data_3ZQ9
#
_entry.id   3ZQ9
#
_cell.length_a   83.610
_cell.length_b   83.610
_cell.length_c   157.531
_cell.angle_alpha   90.00
_cell.angle_beta   90.00
_cell.angle_gamma   120.00
#
_symmetry.space_group_name_H-M   'P 31 2 1'
#
loop_
_entity.id
_entity.type
_entity.pdbx_description
1 polymer XYLOGLUCANASE
2 non-polymer (2R,3S,4R,5R)-5-(HYDROXYMETHYL)PIPERIDINE-2,3,4-TRIOL
3 non-polymer beta-D-glucopyranose
4 non-polymer 'CALCIUM ION'
5 non-polymer 'CHLORIDE ION'
6 non-polymer 'SULFATE ION'
7 non-polymer 1,2-ETHANEDIOL
8 water water
#
_entity_poly.entity_id   1
_entity_poly.type   'polypeptide(L)'
_entity_poly.pdbx_seq_one_letter_code
;VVHGQTAKTITIKVDTFKDRKPISPYIYGTNQDLAGDENMAARRLGGNRMTGYNWENNMSNAGSDWQQSSDNYLCSNGGL
TQAECEKPGAVTTSFHDQSLKLGTYSLVTLPMAGYVAKDGNGSVQESEAAPSARWNQVVNAKNAPFQLQPDLNDNYVYVD
EFVHFLVNKYGTASTKAGVKGYALDNEPALWSHTHPRIHGEKVGAKELVDRSVSLSKAVKAIDAGAEVFGPVLYGFGAYK
DLQTAPDWDSVKGNYSWFVDYYLDQMRLSSQVEGKRLLDVFDVHWYPEAMGGGIRITNEVGNDETKKARMQAPRTLWDPT
YKEDSWIAQWNSEFLPILPRLKQSVDKYYPGTKLAMTEYSYGGENDISGGIAMTDVLGILGKNDVYMANYWKLKDGVNNY
VSAAYKLYRNYDGKNSTFGDTSVSAQTSDIVNSSVHASVTNASDKELHLVVMNKSMDSAFDAQFDLSGAKTYISGKVWGF
DKNSSQIKEAAPITQISGNRFTYTVPPLTAYHIVLTTGNDTSPV
;
_entity_poly.pdbx_strand_id   A
#
# COMPACT_ATOMS: atom_id res chain seq x y z
N ALA A 7 -29.07 22.49 -13.64
CA ALA A 7 -28.02 22.05 -12.66
C ALA A 7 -28.43 20.75 -11.95
N LYS A 8 -27.50 19.83 -11.81
CA LYS A 8 -27.75 18.58 -11.10
C LYS A 8 -27.54 18.79 -9.56
N THR A 9 -28.40 18.21 -8.74
CA THR A 9 -28.21 18.20 -7.27
CA THR A 9 -28.19 18.21 -7.29
C THR A 9 -27.97 16.76 -6.83
N ILE A 10 -26.99 16.55 -5.95
CA ILE A 10 -26.73 15.25 -5.34
CA ILE A 10 -26.85 15.24 -5.34
C ILE A 10 -27.00 15.41 -3.85
N THR A 11 -27.54 14.41 -3.18
CA THR A 11 -27.71 14.56 -1.75
CA THR A 11 -27.75 14.55 -1.77
C THR A 11 -26.73 13.66 -1.03
N ILE A 12 -26.14 14.22 0.04
CA ILE A 12 -25.12 13.49 0.80
C ILE A 12 -25.55 13.53 2.25
N LYS A 13 -25.61 12.34 2.89
CA LYS A 13 -26.04 12.26 4.27
C LYS A 13 -24.85 11.79 5.10
N VAL A 14 -24.47 12.58 6.08
CA VAL A 14 -23.32 12.27 6.99
C VAL A 14 -23.85 12.15 8.41
N ASP A 15 -23.57 11.01 9.05
CA ASP A 15 -24.06 10.80 10.41
C ASP A 15 -22.83 10.44 11.29
N THR A 16 -22.40 11.38 12.13
CA THR A 16 -21.22 11.20 12.97
C THR A 16 -21.42 10.15 14.09
N PHE A 17 -22.66 9.69 14.29
CA PHE A 17 -22.93 8.66 15.31
C PHE A 17 -22.82 7.26 14.70
N LYS A 18 -22.84 7.18 13.37
CA LYS A 18 -23.11 5.92 12.71
C LYS A 18 -21.88 5.31 12.03
N ASP A 19 -21.72 4.00 12.22
CA ASP A 19 -20.63 3.22 11.61
C ASP A 19 -19.26 3.79 11.94
N ARG A 20 -19.07 4.28 13.16
CA ARG A 20 -17.76 4.77 13.54
C ARG A 20 -16.76 3.61 13.48
N LYS A 21 -15.59 3.86 12.90
CA LYS A 21 -14.54 2.85 12.88
C LYS A 21 -13.18 3.50 12.70
N PRO A 22 -12.15 2.89 13.29
CA PRO A 22 -10.84 3.54 13.28
C PRO A 22 -10.24 3.45 11.89
N ILE A 23 -9.63 4.54 11.45
CA ILE A 23 -8.86 4.52 10.18
C ILE A 23 -7.40 4.32 10.58
N SER A 24 -6.80 3.19 10.19
CA SER A 24 -5.38 2.96 10.42
C SER A 24 -4.58 4.05 9.72
N PRO A 25 -3.74 4.75 10.47
CA PRO A 25 -2.93 5.79 9.79
C PRO A 25 -1.99 5.22 8.75
N TYR A 26 -1.68 3.90 8.81
CA TYR A 26 -0.73 3.34 7.86
C TYR A 26 -1.31 3.12 6.45
N ILE A 27 -2.61 3.41 6.24
CA ILE A 27 -3.13 3.50 4.85
C ILE A 27 -2.61 4.76 4.13
N TYR A 28 -1.99 5.66 4.88
CA TYR A 28 -1.32 6.82 4.21
C TYR A 28 0.17 6.47 4.11
N GLY A 29 0.48 5.67 3.10
CA GLY A 29 1.81 5.05 3.07
C GLY A 29 2.35 5.04 1.68
N THR A 30 3.66 4.86 1.56
CA THR A 30 4.25 4.82 0.24
C THR A 30 5.46 3.90 0.21
N ASN A 31 5.91 3.61 -1.02
CA ASN A 31 7.17 2.91 -1.27
C ASN A 31 8.20 4.00 -1.53
N GLN A 32 8.26 4.50 -2.74
CA GLN A 32 9.13 5.68 -3.02
C GLN A 32 8.57 6.91 -2.35
N ASP A 33 9.43 7.68 -1.67
CA ASP A 33 8.98 8.97 -1.12
C ASP A 33 8.58 9.88 -2.28
N LEU A 34 7.52 10.66 -2.11
CA LEU A 34 7.04 11.55 -3.17
C LEU A 34 7.63 12.96 -2.95
N ALA A 35 6.82 14.01 -2.86
CA ALA A 35 7.35 15.37 -2.77
C ALA A 35 7.93 15.67 -1.39
N GLY A 36 7.48 14.94 -0.38
CA GLY A 36 8.02 15.07 0.97
C GLY A 36 7.11 15.84 1.89
N ASP A 37 6.05 16.46 1.36
CA ASP A 37 5.08 17.11 2.23
C ASP A 37 3.72 16.46 2.26
N GLU A 38 3.70 15.15 2.00
CA GLU A 38 2.46 14.40 2.02
C GLU A 38 2.10 13.96 3.44
N ASN A 39 3.05 14.11 4.39
CA ASN A 39 2.80 13.72 5.78
C ASN A 39 2.36 12.25 5.84
N MET A 40 3.16 11.39 5.20
CA MET A 40 2.88 9.94 5.27
C MET A 40 3.01 9.42 6.68
N ALA A 41 2.37 8.28 6.95
CA ALA A 41 2.50 7.59 8.24
C ALA A 41 3.20 6.24 8.14
N ALA A 42 3.46 5.80 6.90
CA ALA A 42 4.09 4.47 6.69
C ALA A 42 4.97 4.49 5.46
N ARG A 43 6.10 3.82 5.56
CA ARG A 43 7.04 3.73 4.44
C ARG A 43 7.48 2.29 4.31
N ARG A 44 7.67 1.85 3.07
CA ARG A 44 8.08 0.47 2.81
C ARG A 44 9.39 0.45 2.02
N LEU A 45 10.28 -0.47 2.43
CA LEU A 45 11.49 -0.75 1.66
C LEU A 45 11.26 -2.15 1.08
N GLY A 46 10.84 -2.22 -0.19
CA GLY A 46 10.28 -3.50 -0.71
C GLY A 46 10.37 -3.48 -2.21
N GLY A 47 9.88 -4.54 -2.86
CA GLY A 47 9.88 -4.55 -4.30
C GLY A 47 11.00 -5.44 -4.84
N ASN A 48 11.12 -5.46 -6.17
CA ASN A 48 11.92 -6.48 -6.87
C ASN A 48 13.38 -6.45 -6.41
N ARG A 49 13.93 -5.25 -6.27
CA ARG A 49 15.33 -5.13 -5.82
C ARG A 49 15.62 -5.74 -4.45
N MET A 50 14.60 -5.90 -3.60
CA MET A 50 14.87 -6.36 -2.23
C MET A 50 15.07 -7.91 -2.13
N THR A 51 14.65 -8.65 -3.15
CA THR A 51 14.72 -10.14 -3.09
C THR A 51 16.19 -10.56 -2.97
N GLY A 52 17.04 -9.91 -3.78
CA GLY A 52 18.47 -10.25 -3.79
C GLY A 52 19.39 -9.26 -3.09
N TYR A 53 18.81 -8.40 -2.24
CA TYR A 53 19.59 -7.39 -1.47
C TYR A 53 20.39 -8.07 -0.37
N ASN A 54 21.67 -7.75 -0.33
CA ASN A 54 22.62 -8.34 0.59
C ASN A 54 22.90 -7.28 1.64
N TRP A 55 22.44 -7.51 2.87
CA TRP A 55 22.57 -6.43 3.89
C TRP A 55 24.03 -6.16 4.26
N GLU A 56 24.91 -7.15 4.03
CA GLU A 56 26.31 -6.98 4.46
C GLU A 56 27.05 -5.93 3.65
N ASN A 57 26.73 -5.82 2.36
CA ASN A 57 27.47 -4.90 1.50
C ASN A 57 26.56 -4.02 0.66
N ASN A 58 25.24 -4.14 0.89
CA ASN A 58 24.24 -3.29 0.23
C ASN A 58 24.01 -3.52 -1.26
N MET A 59 24.63 -4.56 -1.80
CA MET A 59 24.47 -4.92 -3.21
C MET A 59 23.13 -5.64 -3.42
N SER A 60 22.59 -5.53 -4.63
CA SER A 60 21.30 -6.16 -4.98
C SER A 60 21.32 -6.47 -6.45
N ASN A 61 20.32 -7.20 -6.92
CA ASN A 61 20.26 -7.58 -8.32
C ASN A 61 18.91 -7.15 -8.91
N ALA A 62 18.98 -6.41 -10.03
CA ALA A 62 17.75 -5.94 -10.73
C ALA A 62 16.87 -7.01 -11.32
N GLY A 63 17.40 -8.22 -11.51
CA GLY A 63 16.66 -9.27 -12.22
C GLY A 63 16.27 -8.78 -13.62
N SER A 64 15.08 -9.17 -14.04
CA SER A 64 14.61 -8.88 -15.39
C SER A 64 14.31 -7.42 -15.62
N ASP A 65 14.30 -6.63 -14.56
CA ASP A 65 14.10 -5.19 -14.73
C ASP A 65 15.30 -4.53 -15.41
N TRP A 66 16.50 -5.08 -15.19
CA TRP A 66 17.68 -4.50 -15.83
C TRP A 66 18.84 -5.50 -15.89
N GLN A 67 18.91 -6.23 -17.01
CA GLN A 67 20.12 -7.03 -17.36
C GLN A 67 20.53 -8.07 -16.33
N GLN A 68 19.62 -8.48 -15.44
CA GLN A 68 19.99 -9.35 -14.30
C GLN A 68 21.23 -8.75 -13.62
N SER A 69 21.22 -7.42 -13.38
CA SER A 69 22.45 -6.73 -12.99
C SER A 69 22.60 -6.67 -11.46
N SER A 70 23.74 -7.12 -10.95
CA SER A 70 24.14 -6.88 -9.56
C SER A 70 24.87 -5.55 -9.45
N ASP A 71 24.43 -4.68 -8.55
CA ASP A 71 25.04 -3.36 -8.48
C ASP A 71 24.59 -2.60 -7.21
N ASN A 72 25.05 -1.36 -7.07
CA ASN A 72 24.77 -0.56 -5.87
C ASN A 72 23.53 0.35 -6.04
N TYR A 73 22.59 -0.05 -6.90
CA TYR A 73 21.40 0.77 -7.14
C TYR A 73 20.71 1.23 -5.83
N LEU A 74 20.59 0.34 -4.84
CA LEU A 74 19.81 0.72 -3.65
C LEU A 74 20.56 1.78 -2.82
N CYS A 75 21.88 1.81 -2.91
CA CYS A 75 22.67 2.89 -2.28
C CYS A 75 22.38 4.18 -3.00
N SER A 76 22.32 4.13 -4.32
CA SER A 76 22.05 5.35 -5.10
C SER A 76 20.66 5.87 -4.79
N ASN A 77 19.69 4.97 -4.86
CA ASN A 77 18.28 5.26 -4.60
C ASN A 77 18.08 5.83 -3.17
N GLY A 78 18.86 5.35 -2.23
CA GLY A 78 18.79 5.84 -0.86
C GLY A 78 19.58 7.11 -0.58
N GLY A 79 20.36 7.58 -1.54
CA GLY A 79 21.12 8.83 -1.33
C GLY A 79 22.40 8.62 -0.56
N LEU A 80 22.88 7.38 -0.52
CA LEU A 80 24.09 7.05 0.22
CA LEU A 80 24.10 7.06 0.21
C LEU A 80 25.36 7.40 -0.57
N THR A 81 26.41 7.83 0.11
CA THR A 81 27.73 7.99 -0.49
C THR A 81 28.39 6.64 -0.68
N GLN A 82 29.43 6.62 -1.51
CA GLN A 82 30.20 5.39 -1.72
C GLN A 82 30.71 4.86 -0.36
N ALA A 83 31.06 5.75 0.56
CA ALA A 83 31.58 5.32 1.85
C ALA A 83 30.47 4.73 2.71
N GLU A 84 29.30 5.35 2.66
CA GLU A 84 28.17 4.85 3.44
C GLU A 84 27.69 3.54 2.86
N CYS A 85 27.76 3.43 1.54
CA CYS A 85 27.40 2.17 0.81
C CYS A 85 28.25 0.95 1.26
N GLU A 86 29.46 1.20 1.75
CA GLU A 86 30.29 0.14 2.24
C GLU A 86 29.95 -0.39 3.65
N LYS A 87 29.11 0.34 4.39
CA LYS A 87 28.83 -0.01 5.78
C LYS A 87 27.70 -1.04 5.83
N PRO A 88 27.89 -2.14 6.57
CA PRO A 88 26.81 -3.12 6.71
C PRO A 88 25.50 -2.49 7.12
N GLY A 89 24.44 -2.88 6.42
CA GLY A 89 23.07 -2.50 6.76
C GLY A 89 22.65 -1.12 6.31
N ALA A 90 23.57 -0.39 5.68
CA ALA A 90 23.38 1.06 5.48
C ALA A 90 22.16 1.43 4.65
N VAL A 91 21.84 0.66 3.60
CA VAL A 91 20.57 0.95 2.84
C VAL A 91 19.36 0.91 3.81
N THR A 92 19.32 -0.09 4.67
CA THR A 92 18.18 -0.23 5.58
C THR A 92 18.20 0.76 6.74
N THR A 93 19.39 1.04 7.28
CA THR A 93 19.45 1.94 8.41
C THR A 93 19.24 3.37 7.92
N SER A 94 19.70 3.70 6.70
CA SER A 94 19.45 5.04 6.18
C SER A 94 17.92 5.26 5.97
N PHE A 95 17.28 4.21 5.46
CA PHE A 95 15.83 4.18 5.23
C PHE A 95 15.12 4.36 6.57
N HIS A 96 15.50 3.59 7.58
CA HIS A 96 14.79 3.66 8.87
C HIS A 96 15.08 4.98 9.61
N ASP A 97 16.32 5.45 9.53
CA ASP A 97 16.61 6.78 10.11
C ASP A 97 15.64 7.82 9.54
N GLN A 98 15.39 7.76 8.23
CA GLN A 98 14.44 8.67 7.61
C GLN A 98 13.00 8.46 8.11
N SER A 99 12.59 7.19 8.28
CA SER A 99 11.30 6.94 8.89
C SER A 99 11.20 7.57 10.30
N LEU A 100 12.26 7.42 11.09
CA LEU A 100 12.26 8.01 12.44
C LEU A 100 12.13 9.56 12.36
N LYS A 101 12.82 10.16 11.42
CA LYS A 101 12.75 11.61 11.23
C LYS A 101 11.35 12.03 10.79
N LEU A 102 10.75 11.28 9.88
CA LEU A 102 9.41 11.60 9.38
C LEU A 102 8.27 11.10 10.27
N GLY A 103 8.59 10.28 11.28
CA GLY A 103 7.58 9.72 12.17
C GLY A 103 6.73 8.61 11.53
N THR A 104 7.32 7.79 10.65
CA THR A 104 6.52 6.76 9.99
C THR A 104 6.87 5.35 10.47
N TYR A 105 5.96 4.42 10.25
CA TYR A 105 6.26 2.98 10.40
C TYR A 105 7.30 2.61 9.31
N SER A 106 8.21 1.65 9.58
CA SER A 106 9.09 1.08 8.55
C SER A 106 8.75 -0.37 8.35
N LEU A 107 8.48 -0.75 7.11
CA LEU A 107 8.30 -2.14 6.73
C LEU A 107 9.52 -2.47 5.88
N VAL A 108 10.33 -3.40 6.34
CA VAL A 108 11.58 -3.80 5.68
CA VAL A 108 11.52 -3.76 5.58
C VAL A 108 11.49 -5.21 5.09
N THR A 109 11.99 -5.41 3.89
CA THR A 109 11.91 -6.72 3.25
C THR A 109 13.14 -7.57 3.58
N LEU A 110 12.89 -8.87 3.78
CA LEU A 110 13.93 -9.87 4.07
C LEU A 110 13.96 -10.86 2.91
N PRO A 111 15.12 -11.48 2.66
CA PRO A 111 15.24 -12.34 1.46
C PRO A 111 14.76 -13.77 1.74
N MET A 112 14.05 -14.37 0.77
CA MET A 112 13.56 -15.71 0.94
C MET A 112 13.72 -16.56 -0.32
N ALA A 113 14.16 -15.96 -1.42
CA ALA A 113 14.25 -16.70 -2.69
C ALA A 113 15.47 -17.63 -2.70
N GLY A 114 16.45 -17.35 -1.82
CA GLY A 114 17.49 -18.32 -1.43
C GLY A 114 18.92 -17.82 -1.56
N TYR A 115 19.12 -16.78 -2.37
CA TYR A 115 20.45 -16.17 -2.55
C TYR A 115 20.38 -14.65 -2.60
N VAL A 116 21.51 -14.00 -2.37
CA VAL A 116 21.58 -12.53 -2.54
C VAL A 116 22.86 -12.17 -3.29
N ALA A 117 22.89 -10.96 -3.85
CA ALA A 117 24.01 -10.54 -4.65
C ALA A 117 25.32 -10.51 -3.83
N LYS A 118 26.36 -11.18 -4.34
CA LYS A 118 27.68 -11.15 -3.68
C LYS A 118 28.47 -9.86 -3.98
N ASP A 119 28.23 -9.28 -5.16
CA ASP A 119 29.07 -8.17 -5.61
C ASP A 119 28.21 -7.13 -6.34
N GLY A 120 28.88 -6.08 -6.87
CA GLY A 120 28.22 -5.07 -7.70
C GLY A 120 28.74 -5.05 -9.12
N ASN A 121 29.05 -6.23 -9.66
CA ASN A 121 29.79 -6.28 -10.94
CA ASN A 121 29.78 -6.32 -10.94
C ASN A 121 28.91 -6.55 -12.17
N GLY A 122 27.63 -6.17 -12.12
CA GLY A 122 26.80 -6.20 -13.33
C GLY A 122 26.09 -7.48 -13.72
N SER A 123 25.82 -7.63 -15.01
CA SER A 123 24.91 -8.67 -15.51
CA SER A 123 24.92 -8.67 -15.53
C SER A 123 25.37 -10.07 -15.11
N VAL A 124 24.41 -10.90 -14.73
CA VAL A 124 24.64 -12.30 -14.39
C VAL A 124 23.97 -13.12 -15.52
N GLN A 125 24.79 -13.90 -16.24
CA GLN A 125 24.27 -14.69 -17.38
C GLN A 125 23.55 -15.94 -16.90
N GLU A 126 22.80 -16.55 -17.79
CA GLU A 126 21.99 -17.69 -17.39
CA GLU A 126 21.97 -17.71 -17.43
C GLU A 126 22.78 -18.80 -16.72
N SER A 127 23.97 -19.13 -17.24
CA SER A 127 24.75 -20.23 -16.62
C SER A 127 25.50 -19.80 -15.35
N GLU A 128 25.42 -18.50 -15.02
CA GLU A 128 25.97 -17.94 -13.78
C GLU A 128 24.91 -17.84 -12.67
N ALA A 129 23.77 -18.49 -12.89
CA ALA A 129 22.67 -18.55 -11.92
C ALA A 129 23.19 -19.15 -10.63
N ALA A 130 22.54 -18.77 -9.53
CA ALA A 130 22.89 -19.31 -8.23
C ALA A 130 22.69 -20.83 -8.15
N PRO A 131 23.61 -21.55 -7.47
CA PRO A 131 24.79 -21.05 -6.81
C PRO A 131 25.94 -20.76 -7.81
N SER A 132 26.65 -19.66 -7.60
CA SER A 132 27.82 -19.32 -8.40
C SER A 132 28.59 -18.21 -7.71
N ALA A 133 29.72 -17.81 -8.30
CA ALA A 133 30.60 -16.79 -7.70
C ALA A 133 29.89 -15.44 -7.55
N ARG A 134 28.78 -15.28 -8.25
CA ARG A 134 28.05 -13.98 -8.18
C ARG A 134 27.07 -13.92 -6.99
N TRP A 135 26.93 -15.03 -6.24
CA TRP A 135 25.86 -15.09 -5.25
C TRP A 135 26.32 -15.58 -3.88
N ASN A 136 25.73 -15.04 -2.80
CA ASN A 136 25.87 -15.68 -1.48
C ASN A 136 24.56 -16.40 -1.16
N GLN A 137 24.62 -17.45 -0.37
CA GLN A 137 23.39 -18.14 0.02
C GLN A 137 22.80 -17.57 1.28
N VAL A 138 21.48 -17.55 1.35
CA VAL A 138 20.78 -17.02 2.53
C VAL A 138 20.61 -18.16 3.54
N VAL A 139 20.94 -17.88 4.80
CA VAL A 139 20.65 -18.82 5.89
C VAL A 139 19.77 -18.06 6.89
N ASN A 140 18.67 -18.66 7.30
CA ASN A 140 17.74 -17.91 8.18
C ASN A 140 18.25 -17.73 9.58
N ALA A 141 18.82 -18.79 10.17
CA ALA A 141 19.30 -18.74 11.58
C ALA A 141 20.78 -19.08 11.62
N LYS A 142 21.59 -18.13 12.08
CA LYS A 142 23.02 -18.33 12.06
C LYS A 142 23.47 -19.46 13.01
N ASN A 143 22.81 -19.59 14.17
CA ASN A 143 23.24 -20.57 15.19
C ASN A 143 24.71 -20.48 15.55
N ALA A 144 25.18 -19.24 15.73
CA ALA A 144 26.55 -18.93 16.14
C ALA A 144 26.47 -17.51 16.64
N PRO A 145 27.52 -17.05 17.39
CA PRO A 145 27.48 -15.67 17.90
C PRO A 145 27.26 -14.66 16.78
N PHE A 146 26.34 -13.73 16.99
CA PHE A 146 26.12 -12.68 15.98
C PHE A 146 27.25 -11.67 15.94
N GLN A 147 27.53 -11.15 14.75
CA GLN A 147 28.51 -10.09 14.57
C GLN A 147 27.77 -8.84 14.09
N LEU A 148 28.05 -7.70 14.73
CA LEU A 148 27.59 -6.41 14.16
C LEU A 148 28.37 -6.04 12.92
N GLN A 149 29.57 -6.61 12.77
CA GLN A 149 30.38 -6.41 11.57
C GLN A 149 30.42 -7.84 10.97
N PRO A 150 29.46 -8.13 10.06
CA PRO A 150 29.34 -9.52 9.57
C PRO A 150 30.55 -9.92 8.75
N ASP A 151 30.76 -11.22 8.65
CA ASP A 151 31.86 -11.77 7.87
C ASP A 151 31.60 -11.53 6.38
N LEU A 152 32.49 -10.75 5.76
CA LEU A 152 32.29 -10.34 4.35
C LEU A 152 32.90 -11.32 3.36
N ASN A 153 33.66 -12.29 3.88
CA ASN A 153 34.45 -13.18 3.01
C ASN A 153 33.91 -14.59 2.86
N ASP A 154 32.83 -14.91 3.56
CA ASP A 154 32.24 -16.22 3.44
C ASP A 154 31.15 -16.19 2.36
N ASN A 155 30.45 -17.31 2.21
CA ASN A 155 29.47 -17.44 1.14
C ASN A 155 28.02 -17.23 1.65
N TYR A 156 27.88 -16.59 2.82
CA TYR A 156 26.57 -16.58 3.48
C TYR A 156 26.14 -15.20 3.86
N VAL A 157 24.82 -15.00 3.91
CA VAL A 157 24.25 -13.91 4.66
CA VAL A 157 24.24 -13.90 4.71
C VAL A 157 23.24 -14.56 5.65
N TYR A 158 23.24 -14.11 6.90
CA TYR A 158 22.38 -14.70 7.90
C TYR A 158 21.26 -13.72 8.23
N VAL A 159 19.99 -14.12 8.02
CA VAL A 159 18.90 -13.14 8.12
C VAL A 159 18.68 -12.73 9.58
N ASP A 160 18.74 -13.69 10.50
CA ASP A 160 18.59 -13.31 11.92
C ASP A 160 19.69 -12.42 12.46
N GLU A 161 20.89 -12.56 11.92
CA GLU A 161 21.99 -11.62 12.24
C GLU A 161 21.67 -10.19 11.81
N PHE A 162 21.03 -10.05 10.65
CA PHE A 162 20.63 -8.72 10.18
C PHE A 162 19.55 -8.15 11.14
N VAL A 163 18.57 -8.99 11.50
CA VAL A 163 17.51 -8.53 12.41
C VAL A 163 18.14 -8.19 13.77
N HIS A 164 19.05 -9.01 14.28
CA HIS A 164 19.76 -8.66 15.55
C HIS A 164 20.49 -7.30 15.45
N PHE A 165 21.12 -7.07 14.29
CA PHE A 165 21.81 -5.79 14.02
C PHE A 165 20.87 -4.59 14.12
N LEU A 166 19.68 -4.70 13.50
CA LEU A 166 18.66 -3.64 13.61
C LEU A 166 18.19 -3.44 15.03
N VAL A 167 17.90 -4.54 15.71
CA VAL A 167 17.40 -4.42 17.08
C VAL A 167 18.51 -3.81 17.99
N ASN A 168 19.74 -4.19 17.74
CA ASN A 168 20.91 -3.63 18.49
C ASN A 168 20.96 -2.12 18.30
N LYS A 169 20.69 -1.65 17.09
CA LYS A 169 20.78 -0.22 16.82
C LYS A 169 19.54 0.56 17.32
N TYR A 170 18.35 0.00 17.15
CA TYR A 170 17.10 0.77 17.32
C TYR A 170 16.20 0.31 18.46
N GLY A 171 16.52 -0.84 19.06
CA GLY A 171 15.59 -1.44 20.02
C GLY A 171 14.59 -2.35 19.30
N THR A 172 13.71 -3.04 20.06
CA THR A 172 12.77 -3.96 19.40
C THR A 172 11.57 -3.23 18.75
N ALA A 173 10.79 -3.97 17.96
CA ALA A 173 9.61 -3.43 17.27
C ALA A 173 8.67 -2.78 18.27
N SER A 174 8.59 -3.32 19.47
CA SER A 174 7.66 -2.76 20.48
C SER A 174 8.08 -1.40 21.03
N THR A 175 9.28 -0.93 20.69
CA THR A 175 9.72 0.36 21.19
C THR A 175 9.47 1.44 20.16
N LYS A 176 9.50 2.70 20.62
CA LYS A 176 9.27 3.84 19.75
CA LYS A 176 9.30 3.86 19.78
C LYS A 176 10.20 3.87 18.53
N ALA A 177 11.45 3.45 18.69
CA ALA A 177 12.41 3.60 17.59
C ALA A 177 12.60 2.35 16.74
N GLY A 178 11.91 1.26 17.10
CA GLY A 178 12.18 -0.06 16.52
C GLY A 178 11.65 -0.16 15.08
N VAL A 179 12.29 -1.01 14.28
CA VAL A 179 11.75 -1.39 12.95
C VAL A 179 10.55 -2.31 13.23
N LYS A 180 9.36 -1.95 12.75
CA LYS A 180 8.15 -2.66 13.19
C LYS A 180 7.71 -3.82 12.31
N GLY A 181 7.99 -3.75 11.01
CA GLY A 181 7.47 -4.74 10.05
C GLY A 181 8.58 -5.36 9.19
N TYR A 182 8.48 -6.67 8.95
CA TYR A 182 9.38 -7.39 8.04
C TYR A 182 8.52 -8.16 7.05
N ALA A 183 8.84 -8.02 5.77
CA ALA A 183 8.13 -8.71 4.71
C ALA A 183 8.93 -9.95 4.27
N LEU A 184 8.21 -11.03 3.98
CA LEU A 184 8.81 -12.27 3.53
C LEU A 184 9.06 -12.15 2.01
N ASP A 185 10.13 -11.43 1.69
CA ASP A 185 10.58 -11.26 0.28
C ASP A 185 9.50 -10.46 -0.46
N ASN A 186 9.32 -10.72 -1.76
CA ASN A 186 8.49 -9.87 -2.65
C ASN A 186 8.05 -10.73 -3.83
N GLU A 187 6.74 -10.83 -4.05
CA GLU A 187 6.18 -11.42 -5.29
C GLU A 187 6.81 -12.80 -5.64
N PRO A 188 6.63 -13.77 -4.74
CA PRO A 188 7.29 -15.06 -4.90
C PRO A 188 6.84 -15.81 -6.18
N ALA A 189 5.57 -15.65 -6.57
CA ALA A 189 5.03 -16.32 -7.77
C ALA A 189 5.63 -15.73 -9.02
N LEU A 190 6.31 -14.57 -8.88
CA LEU A 190 7.09 -14.04 -10.00
C LEU A 190 8.61 -14.24 -9.88
N TRP A 191 9.07 -14.94 -8.84
CA TRP A 191 10.51 -15.19 -8.74
C TRP A 191 11.05 -15.76 -10.06
N SER A 192 10.34 -16.71 -10.66
CA SER A 192 10.93 -17.38 -11.86
C SER A 192 10.98 -16.45 -13.06
N HIS A 193 10.15 -15.42 -13.05
CA HIS A 193 10.09 -14.43 -14.12
C HIS A 193 11.06 -13.23 -13.89
N THR A 194 10.95 -12.64 -12.69
CA THR A 194 11.75 -11.45 -12.35
C THR A 194 13.16 -11.80 -11.95
N HIS A 195 13.35 -12.93 -11.27
CA HIS A 195 14.67 -13.29 -10.66
C HIS A 195 15.10 -14.70 -11.07
N PRO A 196 15.17 -14.94 -12.38
CA PRO A 196 15.50 -16.30 -12.86
C PRO A 196 16.90 -16.74 -12.44
N ARG A 197 17.81 -15.81 -12.16
CA ARG A 197 19.19 -16.18 -11.74
C ARG A 197 19.19 -16.62 -10.29
N ILE A 198 18.13 -16.29 -9.54
CA ILE A 198 18.10 -16.67 -8.12
C ILE A 198 17.24 -17.90 -7.89
N HIS A 199 16.05 -17.89 -8.48
CA HIS A 199 15.07 -18.96 -8.24
C HIS A 199 14.35 -19.17 -9.56
N GLY A 200 15.03 -19.83 -10.50
CA GLY A 200 14.49 -20.03 -11.88
C GLY A 200 13.28 -20.95 -11.99
N GLU A 201 13.06 -21.87 -11.06
CA GLU A 201 11.84 -22.73 -11.11
C GLU A 201 10.64 -21.97 -10.57
N LYS A 202 9.44 -22.26 -11.08
CA LYS A 202 8.21 -21.65 -10.50
C LYS A 202 8.08 -22.09 -9.02
N VAL A 203 7.88 -21.13 -8.12
CA VAL A 203 7.74 -21.49 -6.69
C VAL A 203 6.52 -22.43 -6.47
N GLY A 204 6.70 -23.41 -5.58
CA GLY A 204 5.58 -24.27 -5.21
C GLY A 204 4.74 -23.63 -4.11
N ALA A 205 3.48 -24.07 -4.03
CA ALA A 205 2.63 -23.62 -2.91
C ALA A 205 3.13 -24.12 -1.56
N LYS A 206 3.43 -25.42 -1.45
CA LYS A 206 4.02 -25.95 -0.22
CA LYS A 206 4.02 -25.95 -0.22
C LYS A 206 5.40 -25.34 0.03
N GLU A 207 6.22 -25.23 -1.03
CA GLU A 207 7.54 -24.62 -0.87
C GLU A 207 7.42 -23.22 -0.24
N LEU A 208 6.48 -22.41 -0.75
CA LEU A 208 6.35 -21.02 -0.26
C LEU A 208 5.99 -21.05 1.22
N VAL A 209 5.05 -21.90 1.62
CA VAL A 209 4.74 -22.00 3.07
C VAL A 209 5.96 -22.40 3.88
N ASP A 210 6.68 -23.45 3.43
CA ASP A 210 7.83 -23.93 4.19
C ASP A 210 8.90 -22.87 4.31
N ARG A 211 9.19 -22.13 3.22
CA ARG A 211 10.21 -21.08 3.29
C ARG A 211 9.76 -19.98 4.24
N SER A 212 8.45 -19.72 4.23
CA SER A 212 7.90 -18.62 5.02
C SER A 212 7.94 -18.96 6.51
N VAL A 213 7.54 -20.19 6.86
CA VAL A 213 7.61 -20.62 8.24
C VAL A 213 9.03 -20.59 8.76
N SER A 214 9.99 -21.09 7.97
CA SER A 214 11.40 -21.06 8.42
C SER A 214 11.94 -19.63 8.67
N LEU A 215 11.65 -18.73 7.74
CA LEU A 215 12.16 -17.36 7.89
C LEU A 215 11.42 -16.67 9.03
N SER A 216 10.10 -16.81 9.08
CA SER A 216 9.36 -16.10 10.16
C SER A 216 9.81 -16.58 11.53
N LYS A 217 10.03 -17.89 11.70
CA LYS A 217 10.49 -18.38 13.01
C LYS A 217 11.80 -17.74 13.40
N ALA A 218 12.71 -17.64 12.42
CA ALA A 218 14.02 -17.05 12.73
C ALA A 218 13.92 -15.59 13.14
N VAL A 219 13.03 -14.84 12.51
CA VAL A 219 12.80 -13.42 12.82
C VAL A 219 12.19 -13.26 14.22
N LYS A 220 11.14 -14.04 14.48
CA LYS A 220 10.39 -13.97 15.74
C LYS A 220 11.28 -14.36 16.92
N ALA A 221 12.27 -15.24 16.68
CA ALA A 221 13.22 -15.62 17.73
C ALA A 221 14.09 -14.44 18.17
N ILE A 222 14.27 -13.46 17.29
CA ILE A 222 15.01 -12.25 17.64
C ILE A 222 14.07 -11.16 18.16
N ASP A 223 12.91 -10.98 17.50
CA ASP A 223 11.99 -9.91 17.90
C ASP A 223 10.57 -10.41 17.78
N ALA A 224 10.03 -10.90 18.89
CA ALA A 224 8.68 -11.47 18.89
C ALA A 224 7.61 -10.42 18.58
N GLY A 225 7.94 -9.15 18.81
CA GLY A 225 6.97 -8.07 18.56
C GLY A 225 6.92 -7.58 17.11
N ALA A 226 7.89 -8.00 16.29
CA ALA A 226 7.92 -7.59 14.88
C ALA A 226 6.73 -8.17 14.13
N GLU A 227 6.15 -7.40 13.20
CA GLU A 227 5.01 -7.87 12.42
C GLU A 227 5.54 -8.47 11.14
N VAL A 228 5.19 -9.72 10.89
CA VAL A 228 5.65 -10.42 9.65
C VAL A 228 4.54 -10.32 8.59
N PHE A 229 4.93 -9.86 7.38
CA PHE A 229 4.02 -9.62 6.26
C PHE A 229 4.28 -10.68 5.18
N GLY A 230 3.20 -11.28 4.66
CA GLY A 230 3.40 -12.23 3.51
C GLY A 230 2.01 -12.51 2.95
N PRO A 231 1.91 -13.13 1.75
CA PRO A 231 3.05 -13.59 0.96
C PRO A 231 3.53 -12.53 -0.04
N VAL A 232 3.01 -11.31 0.04
CA VAL A 232 3.50 -10.21 -0.81
C VAL A 232 3.17 -10.54 -2.29
N LEU A 233 1.93 -10.92 -2.54
CA LEU A 233 1.53 -11.47 -3.85
C LEU A 233 1.40 -10.38 -4.91
N TYR A 234 1.83 -10.66 -6.15
CA TYR A 234 1.94 -9.59 -7.15
C TYR A 234 0.59 -9.11 -7.66
N GLY A 235 -0.41 -9.98 -7.62
CA GLY A 235 -1.62 -9.66 -8.34
C GLY A 235 -2.56 -10.85 -8.35
N PHE A 236 -3.71 -10.68 -9.01
CA PHE A 236 -4.79 -11.65 -8.87
C PHE A 236 -4.37 -13.08 -9.30
N GLY A 237 -3.56 -13.21 -10.33
CA GLY A 237 -3.15 -14.56 -10.79
C GLY A 237 -2.46 -15.34 -9.69
N ALA A 238 -1.70 -14.61 -8.85
CA ALA A 238 -1.09 -15.22 -7.70
C ALA A 238 -2.06 -15.43 -6.54
N TYR A 239 -3.01 -14.52 -6.33
CA TYR A 239 -4.00 -14.79 -5.28
C TYR A 239 -4.76 -16.08 -5.63
N LYS A 240 -5.00 -16.29 -6.92
CA LYS A 240 -5.87 -17.41 -7.35
C LYS A 240 -5.18 -18.78 -7.17
N ASP A 241 -3.99 -18.95 -7.74
CA ASP A 241 -3.34 -20.25 -7.64
C ASP A 241 -1.82 -20.14 -7.64
N LEU A 242 -1.33 -19.01 -7.10
CA LEU A 242 0.12 -18.78 -7.04
C LEU A 242 0.74 -18.88 -8.47
N GLN A 243 0.05 -18.28 -9.45
CA GLN A 243 0.51 -18.19 -10.83
C GLN A 243 0.72 -19.59 -11.41
N THR A 244 -0.31 -20.42 -11.30
CA THR A 244 -0.22 -21.84 -11.77
C THR A 244 0.93 -22.63 -11.11
N ALA A 245 1.02 -22.58 -9.77
CA ALA A 245 2.10 -23.26 -9.09
C ALA A 245 2.03 -24.75 -9.44
N PRO A 246 3.17 -25.38 -9.59
CA PRO A 246 3.17 -26.75 -10.12
C PRO A 246 2.47 -27.76 -9.24
N ASP A 247 2.43 -27.52 -7.93
CA ASP A 247 1.74 -28.40 -6.99
C ASP A 247 0.33 -27.93 -6.60
N TRP A 248 -0.19 -26.88 -7.23
CA TRP A 248 -1.50 -26.36 -6.79
C TRP A 248 -2.62 -27.43 -6.78
N ASP A 249 -2.73 -28.19 -7.87
CA ASP A 249 -3.81 -29.20 -7.92
C ASP A 249 -3.68 -30.23 -6.83
N SER A 250 -2.45 -30.57 -6.47
CA SER A 250 -2.25 -31.55 -5.41
C SER A 250 -2.57 -31.06 -3.99
N VAL A 251 -2.45 -29.74 -3.76
CA VAL A 251 -2.70 -29.19 -2.42
C VAL A 251 -4.01 -28.43 -2.25
N LYS A 252 -4.70 -28.11 -3.33
CA LYS A 252 -5.79 -27.14 -3.27
C LYS A 252 -7.02 -27.68 -2.51
N GLY A 253 -7.21 -28.99 -2.52
CA GLY A 253 -8.30 -29.59 -1.74
C GLY A 253 -9.58 -28.85 -2.08
N ASN A 254 -10.28 -28.33 -1.08
CA ASN A 254 -11.52 -27.60 -1.30
CA ASN A 254 -11.52 -27.60 -1.34
C ASN A 254 -11.36 -26.08 -1.22
N TYR A 255 -10.12 -25.60 -1.22
CA TYR A 255 -9.89 -24.16 -1.11
C TYR A 255 -10.32 -23.44 -2.39
N SER A 256 -10.96 -22.28 -2.24
CA SER A 256 -11.40 -21.48 -3.40
C SER A 256 -10.25 -20.83 -4.15
N TRP A 257 -9.17 -20.55 -3.42
CA TRP A 257 -8.02 -19.89 -4.02
C TRP A 257 -6.82 -20.02 -3.08
N PHE A 258 -5.64 -19.71 -3.62
CA PHE A 258 -4.36 -19.85 -2.89
C PHE A 258 -4.34 -19.01 -1.61
N VAL A 259 -5.01 -17.86 -1.65
CA VAL A 259 -5.15 -16.98 -0.46
C VAL A 259 -5.57 -17.84 0.75
N ASP A 260 -6.59 -18.70 0.57
CA ASP A 260 -7.10 -19.50 1.70
C ASP A 260 -6.12 -20.58 2.13
N TYR A 261 -5.51 -21.23 1.15
CA TYR A 261 -4.53 -22.28 1.45
C TYR A 261 -3.40 -21.69 2.29
N TYR A 262 -2.88 -20.55 1.85
CA TYR A 262 -1.75 -19.90 2.58
C TYR A 262 -2.17 -19.52 4.01
N LEU A 263 -3.31 -18.88 4.18
CA LEU A 263 -3.77 -18.46 5.51
C LEU A 263 -3.93 -19.66 6.43
N ASP A 264 -4.55 -20.73 5.92
CA ASP A 264 -4.80 -21.88 6.76
C ASP A 264 -3.49 -22.58 7.10
N GLN A 265 -2.59 -22.68 6.11
CA GLN A 265 -1.27 -23.28 6.38
C GLN A 265 -0.44 -22.48 7.36
N MET A 266 -0.46 -21.15 7.25
CA MET A 266 0.32 -20.35 8.24
C MET A 266 -0.32 -20.45 9.64
N ARG A 267 -1.64 -20.53 9.67
CA ARG A 267 -2.36 -20.73 10.93
C ARG A 267 -1.95 -22.05 11.59
N LEU A 268 -1.94 -23.11 10.78
CA LEU A 268 -1.59 -24.45 11.24
C LEU A 268 -0.12 -24.51 11.69
N SER A 269 0.83 -24.02 10.87
CA SER A 269 2.23 -23.93 11.28
C SER A 269 2.42 -23.12 12.57
N SER A 270 1.65 -22.04 12.72
CA SER A 270 1.75 -21.18 13.91
C SER A 270 1.27 -21.94 15.18
N GLN A 271 0.24 -22.72 14.98
CA GLN A 271 -0.34 -23.51 16.05
C GLN A 271 0.70 -24.54 16.51
N VAL A 272 1.34 -25.19 15.55
CA VAL A 272 2.31 -26.21 15.95
CA VAL A 272 2.36 -26.21 15.83
C VAL A 272 3.58 -25.60 16.57
N GLU A 273 4.00 -24.41 16.10
CA GLU A 273 5.17 -23.71 16.67
CA GLU A 273 5.16 -23.74 16.68
C GLU A 273 4.84 -23.04 17.99
N GLY A 274 3.57 -22.77 18.23
CA GLY A 274 3.16 -22.08 19.46
C GLY A 274 3.39 -20.57 19.38
N LYS A 275 3.51 -20.04 18.17
CA LYS A 275 3.65 -18.59 18.04
C LYS A 275 3.06 -18.13 16.73
N ARG A 276 2.47 -16.93 16.71
CA ARG A 276 1.92 -16.37 15.45
C ARG A 276 3.05 -16.10 14.44
N LEU A 277 2.99 -16.73 13.26
CA LEU A 277 4.08 -16.61 12.24
C LEU A 277 3.72 -15.69 11.07
N LEU A 278 2.45 -15.26 11.01
CA LEU A 278 1.99 -14.31 10.01
C LEU A 278 1.15 -13.26 10.75
N ASP A 279 1.51 -11.99 10.60
CA ASP A 279 0.75 -10.91 11.25
C ASP A 279 -0.12 -10.16 10.27
N VAL A 280 0.37 -10.03 9.03
CA VAL A 280 -0.33 -9.20 8.06
C VAL A 280 -0.34 -9.92 6.72
N PHE A 281 -1.52 -10.11 6.15
CA PHE A 281 -1.62 -10.72 4.83
C PHE A 281 -1.41 -9.60 3.83
N ASP A 282 -0.42 -9.78 2.93
CA ASP A 282 0.20 -8.69 2.20
C ASP A 282 0.00 -8.99 0.71
N VAL A 283 -0.68 -8.07 0.02
CA VAL A 283 -0.87 -8.16 -1.45
C VAL A 283 -0.49 -6.88 -2.16
N HIS A 284 -0.19 -7.02 -3.46
CA HIS A 284 -0.04 -5.89 -4.38
C HIS A 284 -1.25 -5.88 -5.32
N TRP A 285 -1.73 -4.69 -5.66
CA TRP A 285 -2.97 -4.59 -6.44
C TRP A 285 -2.77 -3.49 -7.48
N TYR A 286 -2.54 -3.90 -8.72
CA TYR A 286 -2.48 -2.95 -9.81
C TYR A 286 -3.71 -3.24 -10.67
N PRO A 287 -4.65 -2.29 -10.69
CA PRO A 287 -5.92 -2.54 -11.42
C PRO A 287 -5.65 -3.04 -12.85
N GLU A 288 -6.44 -4.04 -13.27
CA GLU A 288 -6.47 -4.47 -14.69
C GLU A 288 -7.59 -3.75 -15.43
N ALA A 289 -8.33 -2.90 -14.72
CA ALA A 289 -9.41 -2.08 -15.28
C ALA A 289 -8.96 -1.38 -16.54
N MET A 290 -9.78 -1.49 -17.59
CA MET A 290 -9.53 -0.92 -18.91
CA MET A 290 -9.48 -0.85 -18.87
C MET A 290 -10.53 0.18 -19.26
N GLY A 291 -10.11 1.16 -20.04
CA GLY A 291 -11.05 2.06 -20.65
C GLY A 291 -10.40 2.59 -21.90
N GLY A 292 -11.20 2.77 -22.96
CA GLY A 292 -10.67 3.29 -24.24
C GLY A 292 -9.58 2.40 -24.81
N GLY A 293 -9.65 1.11 -24.46
CA GLY A 293 -8.68 0.12 -24.95
C GLY A 293 -7.35 0.12 -24.20
N ILE A 294 -7.29 0.80 -23.06
CA ILE A 294 -5.99 0.96 -22.36
C ILE A 294 -6.15 0.55 -20.90
N ARG A 295 -5.17 -0.19 -20.38
CA ARG A 295 -5.23 -0.53 -18.93
C ARG A 295 -4.86 0.71 -18.12
N ILE A 296 -5.60 1.04 -17.05
CA ILE A 296 -5.38 2.38 -16.42
C ILE A 296 -3.97 2.55 -15.84
N THR A 297 -3.29 1.44 -15.53
CA THR A 297 -1.95 1.57 -14.94
C THR A 297 -0.84 1.76 -16.00
N ASN A 298 -1.20 1.61 -17.28
CA ASN A 298 -0.18 1.66 -18.36
C ASN A 298 0.18 3.07 -18.83
N GLU A 299 -0.83 3.92 -19.03
CA GLU A 299 -0.59 5.31 -19.44
C GLU A 299 -1.89 6.06 -19.14
N VAL A 300 -1.84 7.38 -19.20
CA VAL A 300 -3.00 8.20 -18.85
C VAL A 300 -4.21 7.86 -19.75
N GLY A 301 -3.94 7.69 -21.06
CA GLY A 301 -5.02 7.22 -21.96
C GLY A 301 -5.92 8.36 -22.42
N ASN A 302 -7.08 7.99 -22.97
CA ASN A 302 -8.02 8.94 -23.56
C ASN A 302 -9.14 9.18 -22.57
N ASP A 303 -10.18 9.88 -23.01
CA ASP A 303 -11.28 10.19 -22.09
C ASP A 303 -11.90 8.95 -21.45
N GLU A 304 -12.06 7.88 -22.23
CA GLU A 304 -12.64 6.66 -21.69
C GLU A 304 -11.69 5.98 -20.68
N THR A 305 -10.39 6.07 -20.93
CA THR A 305 -9.37 5.55 -19.95
C THR A 305 -9.47 6.34 -18.63
N LYS A 306 -9.55 7.66 -18.77
CA LYS A 306 -9.69 8.56 -17.60
C LYS A 306 -10.96 8.29 -16.82
N LYS A 307 -12.09 8.09 -17.53
CA LYS A 307 -13.33 7.80 -16.82
C LYS A 307 -13.25 6.44 -16.11
N ALA A 308 -12.65 5.45 -16.77
CA ALA A 308 -12.46 4.12 -16.16
C ALA A 308 -11.54 4.20 -14.95
N ARG A 309 -10.56 5.09 -15.01
CA ARG A 309 -9.60 5.22 -13.86
C ARG A 309 -10.34 5.70 -12.64
N MET A 310 -11.23 6.69 -12.82
CA MET A 310 -12.00 7.23 -11.68
C MET A 310 -13.07 6.27 -11.10
N GLN A 311 -13.62 5.39 -11.95
CA GLN A 311 -14.57 4.35 -11.47
C GLN A 311 -13.87 3.13 -10.84
N ALA A 312 -12.64 2.82 -11.26
CA ALA A 312 -11.96 1.59 -10.83
C ALA A 312 -11.87 1.37 -9.31
N PRO A 313 -11.76 2.46 -8.51
CA PRO A 313 -11.74 2.23 -7.07
C PRO A 313 -12.99 1.48 -6.58
N ARG A 314 -14.09 1.52 -7.33
CA ARG A 314 -15.31 0.76 -6.91
C ARG A 314 -15.10 -0.76 -6.91
N THR A 315 -14.11 -1.23 -7.67
CA THR A 315 -13.78 -2.66 -7.62
C THR A 315 -13.27 -3.07 -6.23
N LEU A 316 -12.77 -2.12 -5.44
CA LEU A 316 -12.33 -2.43 -4.07
C LEU A 316 -13.49 -2.76 -3.14
N TRP A 317 -14.68 -2.11 -3.31
CA TRP A 317 -15.75 -2.20 -2.31
C TRP A 317 -17.19 -2.48 -2.79
N ASP A 318 -17.49 -2.14 -4.03
CA ASP A 318 -18.87 -1.98 -4.49
C ASP A 318 -19.34 -3.29 -5.13
N PRO A 319 -20.33 -3.97 -4.51
CA PRO A 319 -20.84 -5.21 -5.09
C PRO A 319 -21.53 -4.97 -6.45
N THR A 320 -21.90 -3.73 -6.76
CA THR A 320 -22.64 -3.48 -8.01
C THR A 320 -21.80 -3.15 -9.21
N TYR A 321 -20.50 -2.97 -9.01
CA TYR A 321 -19.65 -2.44 -10.04
C TYR A 321 -18.90 -3.56 -10.78
N LYS A 322 -19.02 -3.61 -12.11
CA LYS A 322 -18.21 -4.58 -12.83
CA LYS A 322 -18.25 -4.58 -12.90
C LYS A 322 -17.29 -3.84 -13.80
N GLU A 323 -15.99 -3.85 -13.49
CA GLU A 323 -15.05 -3.17 -14.35
C GLU A 323 -14.80 -3.96 -15.66
N ASP A 324 -14.13 -3.33 -16.62
CA ASP A 324 -13.69 -4.04 -17.83
C ASP A 324 -12.28 -4.59 -17.58
N SER A 325 -12.17 -5.88 -17.22
CA SER A 325 -10.87 -6.54 -17.03
C SER A 325 -11.08 -8.06 -17.07
N TRP A 326 -10.00 -8.80 -17.27
CA TRP A 326 -10.07 -10.27 -17.26
C TRP A 326 -10.44 -10.82 -15.89
N ILE A 327 -10.11 -10.06 -14.83
CA ILE A 327 -10.47 -10.47 -13.47
C ILE A 327 -12.00 -10.40 -13.30
N ALA A 328 -12.61 -9.29 -13.73
CA ALA A 328 -14.07 -9.19 -13.68
C ALA A 328 -14.73 -10.18 -14.68
N GLN A 329 -14.10 -10.40 -15.82
CA GLN A 329 -14.69 -11.30 -16.83
C GLN A 329 -14.72 -12.75 -16.32
N TRP A 330 -13.60 -13.21 -15.77
CA TRP A 330 -13.47 -14.63 -15.45
C TRP A 330 -13.45 -14.95 -13.97
N ASN A 331 -13.48 -13.95 -13.09
CA ASN A 331 -13.29 -14.19 -11.65
C ASN A 331 -14.15 -13.24 -10.81
N SER A 332 -15.34 -12.89 -11.32
CA SER A 332 -16.15 -11.90 -10.66
C SER A 332 -16.56 -12.29 -9.25
N GLU A 333 -16.58 -13.59 -8.92
CA GLU A 333 -17.03 -14.02 -7.59
C GLU A 333 -16.03 -13.58 -6.52
N PHE A 334 -14.85 -13.14 -6.93
CA PHE A 334 -13.83 -12.67 -5.97
C PHE A 334 -13.83 -11.14 -5.84
N LEU A 335 -14.79 -10.47 -6.50
CA LEU A 335 -14.92 -9.03 -6.44
C LEU A 335 -16.25 -8.66 -5.78
N PRO A 336 -16.31 -7.54 -5.04
CA PRO A 336 -15.21 -6.60 -4.80
C PRO A 336 -14.10 -7.20 -3.94
N ILE A 337 -12.87 -6.70 -4.16
CA ILE A 337 -11.71 -7.42 -3.64
C ILE A 337 -11.48 -7.25 -2.13
N LEU A 338 -11.76 -6.07 -1.55
CA LEU A 338 -11.40 -5.92 -0.14
C LEU A 338 -12.32 -6.76 0.73
N PRO A 339 -13.64 -6.74 0.46
CA PRO A 339 -14.46 -7.59 1.36
C PRO A 339 -14.09 -9.06 1.17
N ARG A 340 -13.76 -9.45 -0.08
CA ARG A 340 -13.40 -10.84 -0.33
C ARG A 340 -12.13 -11.25 0.43
N LEU A 341 -11.10 -10.40 0.37
CA LEU A 341 -9.87 -10.64 1.14
C LEU A 341 -10.13 -10.66 2.61
N LYS A 342 -10.90 -9.71 3.11
CA LYS A 342 -11.19 -9.70 4.55
C LYS A 342 -11.93 -10.97 5.03
N GLN A 343 -12.84 -11.47 4.20
CA GLN A 343 -13.61 -12.66 4.51
C GLN A 343 -12.64 -13.84 4.70
N SER A 344 -11.70 -13.94 3.77
CA SER A 344 -10.70 -15.00 3.77
C SER A 344 -9.81 -14.95 5.00
N VAL A 345 -9.29 -13.78 5.32
CA VAL A 345 -8.41 -13.58 6.47
C VAL A 345 -9.15 -13.92 7.78
N ASP A 346 -10.35 -13.34 7.95
CA ASP A 346 -11.14 -13.54 9.17
C ASP A 346 -11.50 -14.98 9.41
N LYS A 347 -11.78 -15.73 8.35
CA LYS A 347 -12.07 -17.14 8.44
C LYS A 347 -10.82 -18.06 8.60
N TYR A 348 -9.81 -17.93 7.73
CA TYR A 348 -8.72 -18.93 7.71
C TYR A 348 -7.54 -18.63 8.62
N TYR A 349 -7.36 -17.35 9.00
CA TYR A 349 -6.38 -17.08 10.06
C TYR A 349 -6.85 -15.87 10.86
N PRO A 350 -7.83 -16.10 11.74
CA PRO A 350 -8.47 -15.00 12.49
C PRO A 350 -7.44 -14.10 13.16
N GLY A 351 -7.69 -12.79 13.08
CA GLY A 351 -6.84 -11.81 13.74
C GLY A 351 -5.71 -11.31 12.84
N THR A 352 -5.47 -11.98 11.71
CA THR A 352 -4.44 -11.50 10.75
C THR A 352 -4.91 -10.20 10.12
N LYS A 353 -4.02 -9.21 9.92
CA LYS A 353 -4.43 -7.94 9.31
C LYS A 353 -4.24 -7.99 7.79
N LEU A 354 -4.64 -6.93 7.11
CA LEU A 354 -4.58 -6.91 5.63
C LEU A 354 -3.82 -5.68 5.19
N ALA A 355 -2.89 -5.84 4.24
CA ALA A 355 -2.13 -4.71 3.72
C ALA A 355 -2.03 -4.76 2.22
N MET A 356 -2.11 -3.59 1.58
CA MET A 356 -1.92 -3.49 0.15
C MET A 356 -0.59 -2.75 -0.09
N THR A 357 0.52 -3.48 -0.16
CA THR A 357 1.85 -2.86 0.00
C THR A 357 2.43 -2.29 -1.29
N GLU A 358 1.73 -2.50 -2.41
CA GLU A 358 1.94 -1.74 -3.65
C GLU A 358 0.59 -1.62 -4.34
N TYR A 359 0.33 -0.46 -4.93
CA TYR A 359 -0.82 -0.23 -5.83
C TYR A 359 -0.62 1.09 -6.52
N SER A 360 -1.33 1.28 -7.62
CA SER A 360 -1.36 2.55 -8.34
C SER A 360 -2.51 2.47 -9.26
N TYR A 361 -3.16 3.61 -9.47
CA TYR A 361 -4.29 3.70 -10.39
C TYR A 361 -3.84 4.45 -11.65
N GLY A 362 -2.54 4.73 -11.76
CA GLY A 362 -2.03 5.42 -12.99
C GLY A 362 -2.48 6.88 -13.08
N GLY A 363 -2.32 7.48 -14.25
CA GLY A 363 -2.67 8.91 -14.42
C GLY A 363 -1.98 9.79 -13.35
N GLU A 364 -0.70 9.51 -13.11
CA GLU A 364 0.06 10.14 -12.02
C GLU A 364 0.10 11.67 -12.09
N ASN A 365 0.11 12.19 -13.32
CA ASN A 365 0.12 13.61 -13.55
C ASN A 365 -1.14 14.07 -14.25
N ASP A 366 -2.25 13.38 -14.00
CA ASP A 366 -3.55 13.78 -14.55
C ASP A 366 -4.60 13.90 -13.46
N ILE A 367 -5.54 14.83 -13.62
CA ILE A 367 -6.59 14.97 -12.65
C ILE A 367 -7.32 13.65 -12.37
N SER A 368 -7.47 12.79 -13.39
CA SER A 368 -8.13 11.50 -13.17
C SER A 368 -7.41 10.63 -12.15
N GLY A 369 -6.08 10.69 -12.15
CA GLY A 369 -5.25 9.89 -11.19
C GLY A 369 -5.42 10.49 -9.79
N GLY A 370 -5.52 11.81 -9.70
CA GLY A 370 -5.73 12.49 -8.40
C GLY A 370 -7.10 12.12 -7.79
N ILE A 371 -8.13 12.21 -8.61
CA ILE A 371 -9.52 11.89 -8.19
CA ILE A 371 -9.47 11.91 -8.09
C ILE A 371 -9.59 10.42 -7.77
N ALA A 372 -9.03 9.54 -8.59
CA ALA A 372 -9.02 8.11 -8.23
C ALA A 372 -8.41 7.90 -6.85
N MET A 373 -7.26 8.54 -6.58
CA MET A 373 -6.58 8.32 -5.31
C MET A 373 -7.31 8.95 -4.17
N THR A 374 -8.00 10.05 -4.41
CA THR A 374 -8.76 10.65 -3.35
CA THR A 374 -8.76 10.64 -3.29
C THR A 374 -9.87 9.69 -2.93
N ASP A 375 -10.41 8.98 -3.90
CA ASP A 375 -11.44 8.00 -3.53
C ASP A 375 -10.77 6.81 -2.81
N VAL A 376 -9.69 6.29 -3.38
CA VAL A 376 -9.05 5.08 -2.82
C VAL A 376 -8.63 5.31 -1.38
N LEU A 377 -8.04 6.46 -1.08
CA LEU A 377 -7.61 6.66 0.32
C LEU A 377 -8.80 6.60 1.31
N GLY A 378 -9.94 7.18 0.93
CA GLY A 378 -11.15 7.08 1.79
C GLY A 378 -11.64 5.66 1.89
N ILE A 379 -11.67 4.97 0.75
CA ILE A 379 -12.10 3.58 0.72
C ILE A 379 -11.23 2.67 1.60
N LEU A 380 -9.91 2.78 1.46
CA LEU A 380 -9.00 1.93 2.25
C LEU A 380 -9.21 2.18 3.72
N GLY A 381 -9.40 3.45 4.07
CA GLY A 381 -9.49 3.79 5.51
C GLY A 381 -10.69 3.14 6.17
N LYS A 382 -11.82 3.06 5.46
CA LYS A 382 -13.06 2.55 6.05
C LYS A 382 -13.42 1.11 5.67
N ASN A 383 -12.47 0.42 5.05
CA ASN A 383 -12.61 -1.01 4.75
C ASN A 383 -11.61 -1.92 5.46
N ASP A 384 -11.19 -1.53 6.67
CA ASP A 384 -10.37 -2.43 7.53
C ASP A 384 -9.04 -2.81 6.92
N VAL A 385 -8.42 -1.90 6.16
CA VAL A 385 -7.09 -2.15 5.63
C VAL A 385 -6.11 -1.54 6.65
N TYR A 386 -5.15 -2.34 7.09
CA TYR A 386 -4.21 -1.88 8.09
C TYR A 386 -3.15 -0.96 7.48
N MET A 387 -2.67 -1.29 6.28
CA MET A 387 -1.51 -0.54 5.73
C MET A 387 -1.64 -0.56 4.23
N ALA A 388 -1.27 0.54 3.57
CA ALA A 388 -1.30 0.56 2.10
C ALA A 388 -0.22 1.48 1.62
N ASN A 389 0.51 1.09 0.55
CA ASN A 389 1.69 1.85 0.12
C ASN A 389 1.63 2.02 -1.40
N TYR A 390 1.51 3.27 -1.83
CA TYR A 390 1.53 3.58 -3.26
C TYR A 390 2.89 3.17 -3.85
N TRP A 391 2.88 2.74 -5.11
CA TRP A 391 4.15 2.46 -5.85
C TRP A 391 4.17 3.34 -7.12
N LYS A 392 5.23 4.11 -7.32
CA LYS A 392 5.36 4.98 -8.49
C LYS A 392 5.62 4.15 -9.76
N LEU A 393 4.63 4.08 -10.66
CA LEU A 393 4.83 3.39 -11.92
C LEU A 393 5.46 4.34 -12.94
N LYS A 394 5.44 5.62 -12.65
CA LYS A 394 6.05 6.63 -13.53
C LYS A 394 7.13 7.32 -12.71
N ASP A 395 8.35 7.40 -13.24
CA ASP A 395 9.47 8.04 -12.53
C ASP A 395 9.30 9.56 -12.57
N GLY A 396 10.02 10.27 -11.70
CA GLY A 396 9.91 11.74 -11.65
C GLY A 396 8.69 12.15 -10.82
N VAL A 397 8.21 13.37 -10.96
CA VAL A 397 7.05 13.80 -10.12
C VAL A 397 5.77 13.03 -10.48
N ASN A 398 4.93 12.81 -9.49
CA ASN A 398 3.60 12.21 -9.68
C ASN A 398 2.62 13.23 -9.01
N ASN A 399 2.36 14.34 -9.70
CA ASN A 399 1.83 15.52 -9.04
C ASN A 399 0.42 15.30 -8.51
N TYR A 400 -0.38 14.56 -9.25
CA TYR A 400 -1.78 14.39 -8.81
C TYR A 400 -1.94 13.31 -7.76
N VAL A 401 -1.03 12.33 -7.76
CA VAL A 401 -1.05 11.36 -6.63
C VAL A 401 -0.65 12.08 -5.33
N SER A 402 0.40 12.90 -5.41
CA SER A 402 0.82 13.69 -4.26
CA SER A 402 0.83 13.69 -4.26
C SER A 402 -0.33 14.57 -3.75
N ALA A 403 -1.02 15.21 -4.67
CA ALA A 403 -2.20 16.06 -4.31
C ALA A 403 -3.26 15.28 -3.49
N ALA A 404 -3.57 14.05 -3.91
CA ALA A 404 -4.56 13.22 -3.17
C ALA A 404 -4.09 13.00 -1.73
N TYR A 405 -2.81 12.64 -1.53
CA TYR A 405 -2.31 12.46 -0.15
C TYR A 405 -2.37 13.76 0.66
N LYS A 406 -1.94 14.84 0.03
CA LYS A 406 -1.94 16.14 0.72
C LYS A 406 -3.36 16.55 1.05
N LEU A 407 -4.30 16.23 0.17
CA LEU A 407 -5.70 16.61 0.49
C LEU A 407 -6.13 15.95 1.82
N TYR A 408 -5.71 14.70 2.04
CA TYR A 408 -6.02 14.01 3.30
C TYR A 408 -5.12 14.37 4.47
N ARG A 409 -3.84 14.66 4.19
CA ARG A 409 -2.83 14.63 5.26
C ARG A 409 -2.06 15.93 5.46
N ASN A 410 -2.24 16.88 4.57
CA ASN A 410 -1.58 18.19 4.73
C ASN A 410 -2.32 19.22 3.87
N TYR A 411 -3.60 19.44 4.18
CA TYR A 411 -4.46 20.16 3.25
C TYR A 411 -4.24 21.67 3.38
N ASP A 412 -3.62 22.07 4.50
CA ASP A 412 -3.38 23.48 4.78
C ASP A 412 -1.94 23.93 4.79
N GLY A 413 -1.00 23.04 4.48
CA GLY A 413 0.42 23.38 4.58
C GLY A 413 0.94 23.28 6.01
N LYS A 414 0.10 22.90 6.96
CA LYS A 414 0.51 22.80 8.36
C LYS A 414 0.36 21.35 8.86
N ASN A 415 0.23 20.42 7.92
CA ASN A 415 0.03 19.01 8.26
C ASN A 415 -1.27 18.74 9.04
N SER A 416 -2.29 19.55 8.82
CA SER A 416 -3.62 19.18 9.32
C SER A 416 -4.17 18.01 8.49
N THR A 417 -4.92 17.12 9.16
CA THR A 417 -5.34 15.87 8.52
C THR A 417 -6.84 15.58 8.63
N PHE A 418 -7.29 14.68 7.76
CA PHE A 418 -8.52 13.95 7.91
C PHE A 418 -8.53 13.34 9.33
N GLY A 419 -9.73 13.04 9.85
CA GLY A 419 -9.81 12.53 11.21
C GLY A 419 -9.43 11.08 11.30
N ASP A 420 -9.26 10.57 12.53
CA ASP A 420 -8.83 9.18 12.75
C ASP A 420 -9.99 8.19 12.80
N THR A 421 -11.20 8.72 12.77
CA THR A 421 -12.38 7.90 12.94
C THR A 421 -13.30 8.04 11.73
N SER A 422 -13.48 6.98 10.95
CA SER A 422 -14.44 7.05 9.83
C SER A 422 -15.87 7.12 10.38
N VAL A 423 -16.74 7.90 9.74
CA VAL A 423 -18.19 7.85 10.05
C VAL A 423 -18.97 7.75 8.74
N SER A 424 -20.25 7.42 8.86
CA SER A 424 -21.07 7.14 7.68
C SER A 424 -21.24 8.38 6.80
N ALA A 425 -20.93 8.22 5.51
CA ALA A 425 -21.15 9.28 4.54
C ALA A 425 -21.76 8.56 3.34
N GLN A 426 -22.98 8.93 2.96
CA GLN A 426 -23.67 8.27 1.84
C GLN A 426 -24.01 9.29 0.75
N THR A 427 -23.91 8.90 -0.50
CA THR A 427 -24.26 9.80 -1.59
C THR A 427 -25.34 9.20 -2.45
N SER A 428 -26.20 10.07 -3.02
CA SER A 428 -27.28 9.63 -3.92
C SER A 428 -26.77 9.24 -5.31
N ASP A 429 -25.50 9.54 -5.62
CA ASP A 429 -24.97 9.23 -6.94
C ASP A 429 -23.55 8.68 -6.82
N ILE A 430 -23.43 7.36 -6.83
CA ILE A 430 -22.13 6.76 -6.61
C ILE A 430 -21.26 6.75 -7.85
N VAL A 431 -21.83 7.17 -8.97
CA VAL A 431 -21.08 7.14 -10.23
C VAL A 431 -20.32 8.47 -10.39
N ASN A 432 -21.05 9.59 -10.27
CA ASN A 432 -20.46 10.92 -10.46
C ASN A 432 -19.82 11.47 -9.22
N SER A 433 -20.11 10.88 -8.05
CA SER A 433 -19.49 11.42 -6.83
C SER A 433 -18.93 10.31 -5.95
N SER A 434 -18.02 10.67 -5.05
CA SER A 434 -17.69 9.80 -3.90
C SER A 434 -17.50 10.75 -2.73
N VAL A 435 -17.67 10.25 -1.53
CA VAL A 435 -17.58 11.10 -0.36
C VAL A 435 -17.12 10.27 0.84
N HIS A 436 -16.28 10.88 1.68
CA HIS A 436 -15.75 10.18 2.85
C HIS A 436 -15.76 11.12 4.02
N ALA A 437 -16.18 10.63 5.19
CA ALA A 437 -16.25 11.53 6.34
C ALA A 437 -15.50 10.99 7.55
N SER A 438 -15.08 11.89 8.44
CA SER A 438 -14.35 11.48 9.63
C SER A 438 -14.42 12.53 10.72
N VAL A 439 -14.21 12.06 11.96
CA VAL A 439 -13.99 12.91 13.11
C VAL A 439 -12.73 12.37 13.83
N THR A 440 -12.26 13.07 14.86
CA THR A 440 -11.16 12.53 15.68
C THR A 440 -11.61 12.44 17.13
N ASN A 441 -11.32 11.32 17.81
CA ASN A 441 -11.66 11.15 19.25
C ASN A 441 -13.12 11.50 19.48
N ALA A 442 -13.99 10.94 18.61
CA ALA A 442 -15.48 11.13 18.67
C ALA A 442 -15.87 12.62 18.69
N SER A 443 -15.12 13.48 18.01
CA SER A 443 -15.36 14.92 18.12
C SER A 443 -16.79 15.29 17.76
N ASP A 444 -17.35 16.19 18.56
CA ASP A 444 -18.58 16.85 18.17
C ASP A 444 -18.27 18.30 17.81
N LYS A 445 -16.97 18.65 17.73
CA LYS A 445 -16.56 20.04 17.39
C LYS A 445 -16.06 20.26 15.94
N GLU A 446 -15.41 19.26 15.35
CA GLU A 446 -14.84 19.38 14.01
C GLU A 446 -15.22 18.14 13.20
N LEU A 447 -15.68 18.35 11.99
CA LEU A 447 -16.12 17.26 11.12
C LEU A 447 -15.39 17.42 9.78
N HIS A 448 -14.78 16.34 9.27
CA HIS A 448 -13.99 16.38 8.01
C HIS A 448 -14.73 15.63 6.92
N LEU A 449 -14.87 16.26 5.75
CA LEU A 449 -15.55 15.62 4.62
C LEU A 449 -14.64 15.75 3.41
N VAL A 450 -14.41 14.66 2.70
CA VAL A 450 -13.67 14.74 1.41
C VAL A 450 -14.69 14.34 0.36
N VAL A 451 -14.90 15.20 -0.61
CA VAL A 451 -15.96 14.95 -1.60
C VAL A 451 -15.36 15.22 -2.98
N MET A 452 -15.81 14.48 -3.99
CA MET A 452 -15.22 14.66 -5.31
C MET A 452 -16.24 14.46 -6.41
N ASN A 453 -16.04 15.16 -7.52
CA ASN A 453 -16.90 15.04 -8.69
C ASN A 453 -16.05 14.38 -9.79
N LYS A 454 -16.45 13.16 -10.16
CA LYS A 454 -15.78 12.37 -11.19
CA LYS A 454 -15.78 12.38 -11.19
C LYS A 454 -16.29 12.65 -12.62
N SER A 455 -17.36 13.43 -12.72
CA SER A 455 -17.84 13.82 -14.07
C SER A 455 -16.81 14.69 -14.79
N MET A 456 -16.61 14.39 -16.07
CA MET A 456 -15.68 15.19 -16.89
C MET A 456 -16.35 16.46 -17.37
N ASP A 457 -17.67 16.49 -17.31
CA ASP A 457 -18.52 17.49 -18.00
C ASP A 457 -19.40 18.37 -17.12
N SER A 458 -19.90 17.82 -16.01
CA SER A 458 -21.04 18.45 -15.33
C SER A 458 -20.80 18.67 -13.85
N ALA A 459 -20.89 19.93 -13.44
CA ALA A 459 -20.85 20.28 -12.01
C ALA A 459 -22.08 19.67 -11.35
N PHE A 460 -22.02 19.49 -10.03
CA PHE A 460 -23.25 19.26 -9.27
C PHE A 460 -23.30 20.10 -8.02
N ASP A 461 -24.51 20.37 -7.52
CA ASP A 461 -24.65 21.02 -6.21
C ASP A 461 -24.81 19.91 -5.20
N ALA A 462 -23.93 19.83 -4.22
CA ALA A 462 -23.98 18.75 -3.22
C ALA A 462 -24.74 19.33 -2.05
N GLN A 463 -25.87 18.72 -1.70
CA GLN A 463 -26.67 19.15 -0.56
CA GLN A 463 -26.65 19.16 -0.55
C GLN A 463 -26.31 18.22 0.59
N PHE A 464 -25.67 18.75 1.61
CA PHE A 464 -25.20 17.92 2.71
C PHE A 464 -26.18 17.99 3.85
N ASP A 465 -26.56 16.84 4.39
CA ASP A 465 -27.40 16.81 5.58
CA ASP A 465 -27.43 16.76 5.55
C ASP A 465 -26.60 16.11 6.65
N LEU A 466 -26.34 16.83 7.75
CA LEU A 466 -25.43 16.33 8.80
C LEU A 466 -26.19 15.95 10.08
N SER A 467 -25.81 14.80 10.63
CA SER A 467 -26.32 14.37 11.94
CA SER A 467 -26.32 14.38 11.95
C SER A 467 -25.17 14.42 12.92
N GLY A 468 -25.32 15.24 13.95
CA GLY A 468 -24.28 15.43 14.93
C GLY A 468 -24.85 15.83 16.27
N ALA A 469 -24.03 15.77 17.32
CA ALA A 469 -24.46 16.13 18.67
C ALA A 469 -24.56 17.66 18.82
N LYS A 470 -23.75 18.39 18.07
CA LYS A 470 -23.81 19.87 18.12
C LYS A 470 -24.10 20.46 16.74
N THR A 471 -24.36 21.76 16.73
CA THR A 471 -24.70 22.44 15.50
C THR A 471 -23.44 22.97 14.85
N TYR A 472 -23.19 22.50 13.62
CA TYR A 472 -22.10 23.04 12.80
C TYR A 472 -22.50 24.40 12.26
N ILE A 473 -21.63 25.39 12.42
CA ILE A 473 -22.00 26.74 12.05
C ILE A 473 -21.20 27.29 10.86
N SER A 474 -20.01 26.76 10.62
CA SER A 474 -19.26 27.27 9.46
C SER A 474 -18.27 26.23 8.98
N GLY A 475 -17.68 26.48 7.81
CA GLY A 475 -16.76 25.46 7.24
C GLY A 475 -15.69 26.16 6.43
N LYS A 476 -14.51 25.56 6.39
CA LYS A 476 -13.41 26.01 5.53
CA LYS A 476 -13.44 26.00 5.51
C LYS A 476 -13.24 24.91 4.48
N VAL A 477 -12.72 25.28 3.30
CA VAL A 477 -12.71 24.32 2.18
C VAL A 477 -11.35 24.45 1.47
N TRP A 478 -10.76 23.32 1.10
CA TRP A 478 -9.48 23.26 0.40
C TRP A 478 -9.66 22.27 -0.74
N GLY A 479 -9.01 22.47 -1.88
CA GLY A 479 -9.22 21.49 -2.92
C GLY A 479 -8.21 21.53 -4.04
N PHE A 480 -8.34 20.60 -4.96
CA PHE A 480 -7.53 20.64 -6.19
C PHE A 480 -8.43 20.23 -7.33
N ASP A 481 -8.00 20.56 -8.54
CA ASP A 481 -8.81 20.35 -9.72
C ASP A 481 -7.88 20.21 -10.94
N LYS A 482 -8.44 20.24 -12.15
CA LYS A 482 -7.70 20.08 -13.40
CA LYS A 482 -7.63 20.06 -13.36
C LYS A 482 -6.74 21.26 -13.64
N ASN A 483 -6.98 22.37 -12.96
CA ASN A 483 -6.22 23.59 -13.21
C ASN A 483 -4.99 23.72 -12.34
N SER A 484 -5.04 23.12 -11.14
CA SER A 484 -3.95 23.20 -10.16
CA SER A 484 -3.94 23.19 -10.20
C SER A 484 -3.96 21.98 -9.29
N SER A 485 -2.81 21.32 -9.27
CA SER A 485 -2.60 20.16 -8.40
CA SER A 485 -2.54 20.19 -8.41
C SER A 485 -2.23 20.62 -6.98
N GLN A 486 -1.75 21.86 -6.79
CA GLN A 486 -1.55 22.38 -5.41
C GLN A 486 -2.88 22.45 -4.66
N ILE A 487 -2.87 22.27 -3.35
CA ILE A 487 -4.11 22.30 -2.58
C ILE A 487 -4.41 23.77 -2.26
N LYS A 488 -5.48 24.30 -2.83
CA LYS A 488 -5.78 25.73 -2.63
C LYS A 488 -6.98 25.91 -1.71
N GLU A 489 -6.96 26.97 -0.91
CA GLU A 489 -8.13 27.31 -0.13
CA GLU A 489 -8.12 27.39 -0.13
C GLU A 489 -9.25 27.75 -1.09
N ALA A 490 -10.45 27.29 -0.80
CA ALA A 490 -11.61 27.61 -1.61
C ALA A 490 -12.55 28.49 -0.79
N ALA A 491 -13.66 28.93 -1.40
CA ALA A 491 -14.59 29.83 -0.72
C ALA A 491 -15.19 29.13 0.52
N PRO A 492 -15.23 29.81 1.66
CA PRO A 492 -15.69 29.19 2.89
C PRO A 492 -17.20 29.02 2.90
N ILE A 493 -17.68 28.19 3.82
CA ILE A 493 -19.10 27.96 4.02
C ILE A 493 -19.44 28.82 5.26
N THR A 494 -20.33 29.79 5.06
CA THR A 494 -20.65 30.73 6.14
C THR A 494 -22.13 30.54 6.58
N GLN A 495 -22.94 29.96 5.71
CA GLN A 495 -24.32 29.72 6.04
CA GLN A 495 -24.34 29.72 5.97
CA GLN A 495 -24.33 29.70 6.07
C GLN A 495 -24.61 28.22 6.13
N ILE A 496 -24.72 27.76 7.37
CA ILE A 496 -25.16 26.42 7.66
C ILE A 496 -26.37 26.61 8.58
N SER A 497 -27.50 26.09 8.15
CA SER A 497 -28.73 26.27 8.90
C SER A 497 -29.30 24.89 9.15
N GLY A 498 -29.57 24.57 10.41
CA GLY A 498 -30.14 23.27 10.74
C GLY A 498 -29.27 22.10 10.29
N ASN A 499 -27.95 22.27 10.38
CA ASN A 499 -27.00 21.21 9.96
C ASN A 499 -27.18 20.74 8.50
N ARG A 500 -27.60 21.67 7.65
CA ARG A 500 -27.63 21.41 6.22
C ARG A 500 -26.93 22.56 5.50
N PHE A 501 -26.21 22.22 4.43
CA PHE A 501 -25.61 23.24 3.57
C PHE A 501 -25.43 22.64 2.17
N THR A 502 -25.25 23.54 1.21
CA THR A 502 -25.07 23.15 -0.19
CA THR A 502 -25.05 23.12 -0.16
C THR A 502 -23.73 23.72 -0.65
N TYR A 503 -22.99 22.95 -1.46
CA TYR A 503 -21.74 23.51 -2.02
C TYR A 503 -21.62 22.96 -3.42
N THR A 504 -21.22 23.81 -4.38
CA THR A 504 -21.10 23.36 -5.76
C THR A 504 -19.75 22.66 -5.93
N VAL A 505 -19.78 21.48 -6.52
CA VAL A 505 -18.49 20.80 -6.86
C VAL A 505 -18.37 20.77 -8.40
N PRO A 506 -17.42 21.52 -8.96
CA PRO A 506 -17.27 21.56 -10.42
C PRO A 506 -16.75 20.20 -10.92
N PRO A 507 -16.77 19.96 -12.25
CA PRO A 507 -16.28 18.69 -12.79
C PRO A 507 -14.84 18.48 -12.35
N LEU A 508 -14.46 17.22 -12.11
CA LEU A 508 -13.04 16.84 -11.90
C LEU A 508 -12.41 17.67 -10.77
N THR A 509 -13.08 17.74 -9.61
CA THR A 509 -12.63 18.58 -8.50
C THR A 509 -12.75 17.75 -7.22
N ALA A 510 -11.78 17.86 -6.31
CA ALA A 510 -11.86 17.17 -5.02
C ALA A 510 -11.72 18.24 -3.96
N TYR A 511 -12.62 18.25 -2.96
CA TYR A 511 -12.51 19.19 -1.84
C TYR A 511 -12.40 18.46 -0.51
N HIS A 512 -11.69 19.08 0.44
CA HIS A 512 -11.72 18.68 1.84
C HIS A 512 -12.41 19.85 2.56
N ILE A 513 -13.56 19.54 3.15
CA ILE A 513 -14.39 20.51 3.91
C ILE A 513 -14.23 20.23 5.40
N VAL A 514 -13.95 21.27 6.17
CA VAL A 514 -13.74 21.13 7.60
C VAL A 514 -14.80 21.96 8.27
N LEU A 515 -15.74 21.31 8.95
CA LEU A 515 -16.85 22.05 9.58
C LEU A 515 -16.57 22.16 11.07
N THR A 516 -17.04 23.26 11.67
CA THR A 516 -16.80 23.49 13.08
C THR A 516 -18.11 23.96 13.75
N THR A 517 -18.18 23.73 15.05
CA THR A 517 -19.33 24.15 15.85
C THR A 517 -19.02 25.47 16.56
N GLY A 518 -17.78 25.93 16.49
CA GLY A 518 -17.38 27.09 17.29
C GLY A 518 -16.18 27.86 16.76
#